data_5IIL
#
_entry.id   5IIL
#
_cell.length_a   56.220
_cell.length_b   63.554
_cell.length_c   139.845
_cell.angle_alpha   90.00
_cell.angle_beta   90.00
_cell.angle_gamma   90.00
#
_symmetry.space_group_name_H-M   'P 21 21 21'
#
loop_
_entity.id
_entity.type
_entity.pdbx_description
1 polymer 'DNA polymerase lambda'
2 polymer "DNA (5'-D(P*GP*CP*CP*G)-3')"
3 polymer "DNA (5'-D(*CP*AP*GP*TP*AP*AP*T)-3')"
4 polymer "DNA (5'-D(*CP*GP*GP*CP*AP*(8OG)P*TP*AP*CP*TP*G)-3')"
5 non-polymer 'CITRIC ACID'
6 non-polymer 'SODIUM ION'
7 water water
#
loop_
_entity_poly.entity_id
_entity_poly.type
_entity_poly.pdbx_seq_one_letter_code
_entity_poly.pdbx_strand_id
1 'polypeptide(L)'
;AQPSSQKATNHNLHITEKLEVLAKAYSVQGDKWRALGYAKAINALKSFHKPVTSYQEACSIPGIGKRMAEKIIEILESGH
LRKLDHISESVPVLELFSNIWGAGTKTAQMWYQQGFRSLEDIRSQASLTTQQAIGLKHYSDFLERMPREEATEIEQTVQK
AAQAFNSGLLCVACGSYRRGKATCGDVDVLITHPDGRSHRGIFSRLLDSLRQEGFLTDDLVSQEENGQQQKYLGVCRLPG
PGRRHRRLDIIVVPYSEFACALLYFTGSAHFNRSMRALAKTKGMSLSEHALSTAVVRNTHGCKVGPGRVLPTPTEKDVFR
LLGLPYREPAERDW
;
A
2 'polydeoxyribonucleotide' (DG)(DC)(DC)(DG) D
3 'polydeoxyribonucleotide' (DC)(DA)(DG)(DT)(DA)(DA)(DT) P
4 'polydeoxyribonucleotide' (DC)(DG)(DG)(DC)(DA)(8OG)(DT)(DA)(DC)(DT)(DG) T
#
loop_
_chem_comp.id
_chem_comp.type
_chem_comp.name
_chem_comp.formula
8OG DNA linking 8-OXO-2'-DEOXY-GUANOSINE-5'-MONOPHOSPHATE 'C10 H14 N5 O8 P'
CIT non-polymer 'CITRIC ACID' 'C6 H8 O7'
DA DNA linking 2'-DEOXYADENOSINE-5'-MONOPHOSPHATE 'C10 H14 N5 O6 P'
DC DNA linking 2'-DEOXYCYTIDINE-5'-MONOPHOSPHATE 'C9 H14 N3 O7 P'
DG DNA linking 2'-DEOXYGUANOSINE-5'-MONOPHOSPHATE 'C10 H14 N5 O7 P'
DT DNA linking THYMIDINE-5'-MONOPHOSPHATE 'C10 H15 N2 O8 P'
NA non-polymer 'SODIUM ION' 'Na 1'
#
# COMPACT_ATOMS: atom_id res chain seq x y z
N THR A 9 -20.85 -3.81 -8.43
CA THR A 9 -20.99 -5.26 -8.55
C THR A 9 -20.15 -5.80 -9.71
N ASN A 10 -19.51 -6.95 -9.47
CA ASN A 10 -18.70 -7.63 -10.48
C ASN A 10 -19.54 -8.59 -11.34
N HIS A 11 -19.69 -8.25 -12.62
CA HIS A 11 -20.48 -9.08 -13.53
C HIS A 11 -19.62 -10.10 -14.28
N ASN A 12 -18.38 -10.29 -13.82
CA ASN A 12 -17.48 -11.24 -14.46
C ASN A 12 -16.66 -12.03 -13.47
N LEU A 13 -17.30 -12.37 -12.35
CA LEU A 13 -16.59 -12.99 -11.24
C LEU A 13 -15.87 -14.26 -11.65
N HIS A 14 -16.49 -15.04 -12.53
CA HIS A 14 -15.92 -16.33 -12.91
C HIS A 14 -14.63 -16.11 -13.70
N ILE A 15 -14.56 -14.99 -14.40
CA ILE A 15 -13.37 -14.62 -15.15
C ILE A 15 -12.27 -14.15 -14.21
N THR A 16 -12.58 -13.12 -13.42
CA THR A 16 -11.56 -12.45 -12.63
C THR A 16 -11.00 -13.37 -11.55
N GLU A 17 -11.85 -14.20 -10.95
CA GLU A 17 -11.39 -15.16 -9.96
C GLU A 17 -10.24 -15.99 -10.48
N LYS A 18 -10.34 -16.41 -11.74
CA LYS A 18 -9.32 -17.25 -12.34
C LYS A 18 -8.10 -16.42 -12.73
N LEU A 19 -8.32 -15.21 -13.23
CA LEU A 19 -7.20 -14.34 -13.61
C LEU A 19 -6.42 -13.93 -12.37
N GLU A 20 -7.12 -13.76 -11.25
CA GLU A 20 -6.49 -13.31 -10.02
C GLU A 20 -5.47 -14.31 -9.54
N VAL A 21 -5.82 -15.59 -9.67
CA VAL A 21 -4.91 -16.68 -9.33
C VAL A 21 -3.61 -16.58 -10.12
N LEU A 22 -3.75 -16.43 -11.43
CA LEU A 22 -2.59 -16.36 -12.31
C LEU A 22 -1.79 -15.10 -12.00
N ALA A 23 -2.50 -14.02 -11.68
CA ALA A 23 -1.89 -12.75 -11.34
C ALA A 23 -1.02 -12.84 -10.09
N LYS A 24 -1.53 -13.50 -9.07
CA LYS A 24 -0.81 -13.61 -7.81
C LYS A 24 0.40 -14.52 -8.00
N ALA A 25 0.26 -15.52 -8.87
CA ALA A 25 1.37 -16.42 -9.19
C ALA A 25 2.54 -15.65 -9.83
N TYR A 26 2.22 -14.80 -10.80
CA TYR A 26 3.22 -13.94 -11.40
C TYR A 26 3.85 -13.03 -10.35
N SER A 27 3.03 -12.44 -9.49
CA SER A 27 3.52 -11.52 -8.47
C SER A 27 4.54 -12.18 -7.53
N VAL A 28 4.22 -13.34 -6.96
CA VAL A 28 5.15 -13.95 -6.00
C VAL A 28 6.41 -14.49 -6.66
N GLN A 29 6.34 -14.78 -7.96
CA GLN A 29 7.53 -15.23 -8.66
C GLN A 29 8.41 -14.07 -9.14
N GLY A 30 7.97 -12.84 -8.87
CA GLY A 30 8.79 -11.65 -9.10
C GLY A 30 8.53 -10.97 -10.45
N ASP A 31 7.59 -11.49 -11.21
CA ASP A 31 7.29 -10.90 -12.52
C ASP A 31 6.34 -9.72 -12.34
N LYS A 32 6.91 -8.66 -11.77
CA LYS A 32 6.24 -7.44 -11.34
C LYS A 32 5.40 -6.79 -12.43
N TRP A 33 5.97 -6.63 -13.62
CA TRP A 33 5.29 -5.92 -14.68
C TRP A 33 4.18 -6.76 -15.33
N ARG A 34 4.41 -8.06 -15.47
CA ARG A 34 3.33 -8.91 -15.97
C ARG A 34 2.19 -8.92 -14.95
N ALA A 35 2.54 -8.96 -13.67
CA ALA A 35 1.52 -8.96 -12.62
C ALA A 35 0.72 -7.65 -12.64
N LEU A 36 1.40 -6.54 -12.86
CA LEU A 36 0.73 -5.24 -12.98
C LEU A 36 -0.29 -5.25 -14.12
N GLY A 37 0.13 -5.75 -15.27
CA GLY A 37 -0.75 -5.87 -16.43
C GLY A 37 -2.00 -6.65 -16.09
N TYR A 38 -1.84 -7.76 -15.38
CA TYR A 38 -2.99 -8.56 -14.96
C TYR A 38 -3.88 -7.76 -14.01
N ALA A 39 -3.28 -7.05 -13.06
CA ALA A 39 -4.06 -6.31 -12.06
C ALA A 39 -4.94 -5.24 -12.70
N LYS A 40 -4.41 -4.58 -13.73
CA LYS A 40 -5.18 -3.56 -14.43
C LYS A 40 -6.35 -4.19 -15.18
N ALA A 41 -6.06 -5.24 -15.94
CA ALA A 41 -7.09 -5.96 -16.68
C ALA A 41 -8.18 -6.47 -15.76
N ILE A 42 -7.77 -7.03 -14.62
CA ILE A 42 -8.72 -7.58 -13.65
C ILE A 42 -9.61 -6.48 -13.09
N ASN A 43 -9.01 -5.32 -12.80
CA ASN A 43 -9.82 -4.23 -12.27
C ASN A 43 -10.83 -3.74 -13.31
N ALA A 44 -10.38 -3.60 -14.55
CA ALA A 44 -11.24 -3.24 -15.66
C ALA A 44 -12.44 -4.20 -15.77
N LEU A 45 -12.20 -5.46 -15.47
CA LEU A 45 -13.25 -6.47 -15.61
C LEU A 45 -14.21 -6.43 -14.43
N LYS A 46 -13.69 -6.10 -13.25
CA LYS A 46 -14.55 -5.95 -12.09
C LYS A 46 -15.48 -4.74 -12.24
N SER A 47 -15.10 -3.81 -13.11
CA SER A 47 -15.79 -2.52 -13.26
C SER A 47 -16.71 -2.41 -14.47
N PHE A 48 -16.64 -3.39 -15.37
CA PHE A 48 -17.45 -3.33 -16.58
C PHE A 48 -18.93 -3.52 -16.27
N HIS A 49 -19.79 -2.79 -16.99
CA HIS A 49 -21.21 -2.71 -16.65
C HIS A 49 -21.98 -4.02 -16.89
N LYS A 50 -21.35 -4.96 -17.60
CA LYS A 50 -22.03 -6.20 -17.95
C LYS A 50 -21.07 -7.38 -18.03
N PRO A 51 -21.62 -8.60 -18.07
CA PRO A 51 -20.80 -9.75 -18.45
C PRO A 51 -20.13 -9.52 -19.80
N VAL A 52 -18.83 -9.80 -19.90
CA VAL A 52 -18.14 -9.73 -21.18
C VAL A 52 -18.40 -11.06 -21.88
N THR A 53 -18.83 -11.00 -23.14
CA THR A 53 -19.35 -12.19 -23.79
C THR A 53 -18.69 -12.49 -25.13
N SER A 54 -17.80 -11.60 -25.58
CA SER A 54 -17.06 -11.87 -26.80
C SER A 54 -15.62 -11.36 -26.75
N TYR A 55 -14.79 -11.88 -27.65
CA TYR A 55 -13.41 -11.44 -27.82
C TYR A 55 -13.33 -9.97 -28.20
N GLN A 56 -14.15 -9.55 -29.16
CA GLN A 56 -14.10 -8.18 -29.65
C GLN A 56 -14.54 -7.21 -28.56
N GLU A 57 -15.51 -7.64 -27.75
CA GLU A 57 -15.96 -6.81 -26.64
C GLU A 57 -14.86 -6.70 -25.59
N ALA A 58 -14.16 -7.80 -25.35
CA ALA A 58 -13.09 -7.83 -24.37
C ALA A 58 -11.98 -6.87 -24.77
N CYS A 59 -11.57 -6.91 -26.04
CA CYS A 59 -10.54 -6.01 -26.54
C CYS A 59 -10.95 -4.54 -26.45
N SER A 60 -12.25 -4.26 -26.49
CA SER A 60 -12.73 -2.88 -26.55
C SER A 60 -12.44 -2.11 -25.27
N ILE A 61 -12.22 -2.85 -24.18
CA ILE A 61 -12.06 -2.28 -22.85
C ILE A 61 -10.61 -1.89 -22.57
N PRO A 62 -10.38 -0.64 -22.15
CA PRO A 62 -9.05 -0.17 -21.76
C PRO A 62 -8.44 -1.04 -20.65
N GLY A 63 -7.24 -1.52 -20.89
CA GLY A 63 -6.53 -2.36 -19.94
C GLY A 63 -6.57 -3.81 -20.35
N ILE A 64 -7.38 -4.12 -21.36
CA ILE A 64 -7.45 -5.47 -21.90
C ILE A 64 -6.96 -5.48 -23.36
N GLY A 65 -5.90 -6.23 -23.63
CA GLY A 65 -5.41 -6.37 -24.98
C GLY A 65 -5.78 -7.72 -25.54
N LYS A 66 -5.25 -8.05 -26.71
CA LYS A 66 -5.60 -9.29 -27.39
C LYS A 66 -5.23 -10.52 -26.56
N ARG A 67 -4.05 -10.48 -25.94
CA ARG A 67 -3.59 -11.60 -25.14
C ARG A 67 -4.52 -11.86 -23.95
N MET A 68 -4.97 -10.81 -23.26
CA MET A 68 -5.88 -11.01 -22.14
C MET A 68 -7.26 -11.44 -22.67
N ALA A 69 -7.68 -10.84 -23.79
CA ALA A 69 -8.94 -11.19 -24.45
C ALA A 69 -9.05 -12.69 -24.75
N GLU A 70 -7.98 -13.28 -25.26
CA GLU A 70 -7.96 -14.70 -25.56
C GLU A 70 -8.19 -15.53 -24.28
N LYS A 71 -7.58 -15.11 -23.19
CA LYS A 71 -7.75 -15.83 -21.92
C LYS A 71 -9.17 -15.69 -21.38
N ILE A 72 -9.75 -14.51 -21.59
CA ILE A 72 -11.12 -14.25 -21.15
C ILE A 72 -12.10 -15.17 -21.89
N ILE A 73 -11.91 -15.28 -23.19
CA ILE A 73 -12.78 -16.10 -24.03
C ILE A 73 -12.64 -17.60 -23.70
N GLU A 74 -11.40 -18.06 -23.52
CA GLU A 74 -11.15 -19.45 -23.14
C GLU A 74 -11.93 -19.84 -21.90
N ILE A 75 -11.92 -18.97 -20.90
CA ILE A 75 -12.68 -19.18 -19.68
C ILE A 75 -14.17 -19.12 -19.95
N LEU A 76 -14.57 -18.20 -20.83
CA LEU A 76 -15.98 -17.98 -21.14
C LEU A 76 -16.57 -19.22 -21.83
N GLU A 77 -15.76 -19.85 -22.66
CA GLU A 77 -16.21 -21.00 -23.43
C GLU A 77 -15.97 -22.33 -22.72
N SER A 78 -14.81 -22.49 -22.09
CA SER A 78 -14.44 -23.79 -21.55
C SER A 78 -14.53 -23.90 -20.02
N GLY A 79 -14.75 -22.77 -19.35
CA GLY A 79 -14.86 -22.78 -17.90
C GLY A 79 -13.56 -22.99 -17.15
N HIS A 80 -12.49 -23.29 -17.89
CA HIS A 80 -11.17 -23.42 -17.29
C HIS A 80 -10.16 -22.50 -17.99
N LEU A 81 -8.99 -22.39 -17.38
CA LEU A 81 -7.89 -21.64 -17.97
C LEU A 81 -6.64 -22.52 -17.97
N ARG A 82 -6.18 -22.89 -19.16
CA ARG A 82 -5.08 -23.85 -19.30
C ARG A 82 -3.83 -23.42 -18.54
N LYS A 83 -3.53 -22.12 -18.60
CA LYS A 83 -2.33 -21.58 -17.94
C LYS A 83 -2.34 -21.88 -16.44
N LEU A 84 -3.53 -21.90 -15.83
CA LEU A 84 -3.70 -22.24 -14.42
C LEU A 84 -3.17 -23.63 -14.06
N ASP A 85 -3.46 -24.60 -14.91
CA ASP A 85 -3.10 -25.98 -14.64
C ASP A 85 -1.60 -26.19 -14.63
N HIS A 86 -0.85 -25.23 -15.19
CA HIS A 86 0.60 -25.39 -15.31
C HIS A 86 1.37 -24.41 -14.45
N ILE A 87 0.74 -23.90 -13.41
CA ILE A 87 1.40 -23.01 -12.47
C ILE A 87 2.39 -23.82 -11.62
N SER A 88 3.61 -23.31 -11.48
CA SER A 88 4.63 -23.97 -10.65
C SER A 88 4.07 -24.38 -9.28
N GLU A 89 4.44 -25.58 -8.84
CA GLU A 89 3.91 -26.13 -7.60
C GLU A 89 4.41 -25.33 -6.40
N SER A 90 5.46 -24.54 -6.62
CA SER A 90 6.05 -23.74 -5.57
C SER A 90 5.20 -22.53 -5.16
N VAL A 91 4.26 -22.12 -6.01
CA VAL A 91 3.57 -20.83 -5.80
C VAL A 91 2.83 -20.71 -4.46
N PRO A 92 2.01 -21.73 -4.09
CA PRO A 92 1.40 -21.63 -2.75
C PRO A 92 2.41 -21.42 -1.64
N VAL A 93 3.55 -22.10 -1.72
CA VAL A 93 4.58 -21.94 -0.70
C VAL A 93 5.21 -20.55 -0.79
N LEU A 94 5.43 -20.07 -2.01
CA LEU A 94 6.01 -18.74 -2.16
C LEU A 94 5.08 -17.68 -1.57
N GLU A 95 3.77 -17.86 -1.77
CA GLU A 95 2.79 -16.93 -1.21
C GLU A 95 2.80 -16.96 0.28
N LEU A 96 2.87 -18.17 0.83
CA LEU A 96 2.95 -18.35 2.27
C LEU A 96 4.11 -17.56 2.88
N PHE A 97 5.29 -17.74 2.30
CA PHE A 97 6.50 -17.08 2.80
C PHE A 97 6.50 -15.57 2.56
N SER A 98 6.02 -15.16 1.39
CA SER A 98 5.97 -13.73 1.06
CA SER A 98 5.97 -13.74 1.05
C SER A 98 4.98 -12.96 1.92
N ASN A 99 4.06 -13.66 2.59
CA ASN A 99 3.12 -13.00 3.48
C ASN A 99 3.74 -12.78 4.87
N ILE A 100 5.02 -13.13 5.01
CA ILE A 100 5.76 -12.72 6.20
C ILE A 100 6.23 -11.28 5.96
N TRP A 101 5.87 -10.37 6.86
CA TRP A 101 6.28 -8.97 6.74
C TRP A 101 7.80 -8.88 6.74
N GLY A 102 8.35 -8.26 5.71
CA GLY A 102 9.79 -8.12 5.61
C GLY A 102 10.40 -9.15 4.69
N ALA A 103 9.60 -10.13 4.26
CA ALA A 103 10.07 -11.06 3.24
C ALA A 103 9.32 -10.78 1.94
N GLY A 104 10.07 -10.67 0.84
CA GLY A 104 9.47 -10.49 -0.47
C GLY A 104 9.79 -11.67 -1.36
N THR A 105 9.64 -11.47 -2.66
CA THR A 105 9.85 -12.55 -3.63
CA THR A 105 9.85 -12.54 -3.64
C THR A 105 11.26 -13.13 -3.55
N LYS A 106 12.26 -12.28 -3.37
CA LYS A 106 13.63 -12.78 -3.38
C LYS A 106 13.90 -13.70 -2.20
N THR A 107 13.43 -13.29 -1.03
CA THR A 107 13.61 -14.10 0.17
C THR A 107 12.77 -15.38 0.12
N ALA A 108 11.53 -15.26 -0.34
CA ALA A 108 10.66 -16.41 -0.46
C ALA A 108 11.26 -17.45 -1.41
N GLN A 109 11.77 -17.00 -2.55
CA GLN A 109 12.40 -17.94 -3.48
C GLN A 109 13.66 -18.59 -2.93
N MET A 110 14.43 -17.83 -2.15
CA MET A 110 15.63 -18.38 -1.53
C MET A 110 15.27 -19.48 -0.56
N TRP A 111 14.32 -19.17 0.32
CA TRP A 111 13.84 -20.13 1.31
C TRP A 111 13.31 -21.40 0.65
N TYR A 112 12.56 -21.24 -0.44
CA TYR A 112 12.07 -22.38 -1.18
C TYR A 112 13.23 -23.21 -1.75
N GLN A 113 14.20 -22.53 -2.34
CA GLN A 113 15.33 -23.22 -2.94
C GLN A 113 16.10 -24.00 -1.88
N GLN A 114 16.18 -23.43 -0.67
CA GLN A 114 16.86 -24.07 0.45
C GLN A 114 16.08 -25.24 1.06
N GLY A 115 14.90 -25.51 0.52
CA GLY A 115 14.13 -26.67 0.94
C GLY A 115 12.97 -26.42 1.89
N PHE A 116 12.77 -25.19 2.32
CA PHE A 116 11.72 -24.87 3.30
C PHE A 116 10.37 -24.88 2.62
N ARG A 117 9.35 -25.41 3.31
CA ARG A 117 8.04 -25.62 2.71
C ARG A 117 6.89 -25.11 3.61
N SER A 118 7.20 -24.83 4.86
CA SER A 118 6.17 -24.45 5.82
C SER A 118 6.69 -23.38 6.75
N LEU A 119 5.80 -22.71 7.47
CA LEU A 119 6.24 -21.69 8.42
C LEU A 119 7.02 -22.32 9.55
N GLU A 120 6.73 -23.59 9.82
CA GLU A 120 7.47 -24.35 10.83
C GLU A 120 8.93 -24.55 10.39
N ASP A 121 9.12 -24.85 9.11
CA ASP A 121 10.46 -24.87 8.52
C ASP A 121 11.13 -23.53 8.70
N ILE A 122 10.41 -22.46 8.40
CA ILE A 122 11.00 -21.14 8.51
C ILE A 122 11.43 -20.85 9.95
N ARG A 123 10.53 -21.07 10.90
CA ARG A 123 10.81 -20.79 12.31
C ARG A 123 12.05 -21.52 12.83
N SER A 124 12.15 -22.80 12.50
CA SER A 124 13.19 -23.65 13.06
C SER A 124 14.50 -23.60 12.30
N GLN A 125 14.46 -23.30 11.00
CA GLN A 125 15.66 -23.46 10.18
C GLN A 125 16.10 -22.22 9.38
N ALA A 126 15.19 -21.32 9.10
CA ALA A 126 15.52 -20.23 8.19
C ALA A 126 16.26 -19.15 8.90
N SER A 127 17.12 -18.45 8.17
CA SER A 127 17.71 -17.23 8.68
C SER A 127 16.67 -16.14 8.53
N LEU A 128 16.43 -15.39 9.60
CA LEU A 128 15.39 -14.38 9.62
C LEU A 128 15.97 -13.05 10.00
N THR A 129 15.63 -12.01 9.27
CA THR A 129 15.95 -10.67 9.71
C THR A 129 15.14 -10.34 10.97
N THR A 130 15.54 -9.29 11.65
CA THR A 130 14.81 -8.80 12.81
C THR A 130 13.35 -8.48 12.45
N GLN A 131 13.15 -7.85 11.30
CA GLN A 131 11.80 -7.55 10.84
C GLN A 131 11.04 -8.84 10.57
N GLN A 132 11.65 -9.76 9.83
CA GLN A 132 10.97 -10.98 9.42
C GLN A 132 10.58 -11.85 10.62
N ALA A 133 11.41 -11.84 11.67
CA ALA A 133 11.06 -12.55 12.90
C ALA A 133 9.81 -11.96 13.55
N ILE A 134 9.66 -10.63 13.51
CA ILE A 134 8.48 -9.98 14.07
C ILE A 134 7.26 -10.29 13.20
N GLY A 135 7.47 -10.30 11.89
CA GLY A 135 6.42 -10.64 10.94
C GLY A 135 5.90 -12.03 11.21
N LEU A 136 6.81 -12.97 11.41
CA LEU A 136 6.45 -14.35 11.65
C LEU A 136 5.68 -14.49 12.97
N LYS A 137 6.15 -13.81 14.03
CA LYS A 137 5.47 -13.79 15.32
C LYS A 137 4.02 -13.31 15.19
N HIS A 138 3.76 -12.41 14.25
CA HIS A 138 2.42 -11.86 14.12
C HIS A 138 1.78 -12.25 12.80
N TYR A 139 2.11 -13.44 12.32
CA TYR A 139 1.74 -13.82 10.97
C TYR A 139 0.23 -13.72 10.68
N SER A 140 -0.58 -14.30 11.55
CA SER A 140 -2.04 -14.23 11.37
C SER A 140 -2.57 -12.82 11.55
N ASP A 141 -2.15 -12.15 12.60
CA ASP A 141 -2.61 -10.81 12.88
C ASP A 141 -2.32 -9.86 11.73
N PHE A 142 -1.18 -10.05 11.05
CA PHE A 142 -0.81 -9.14 9.96
C PHE A 142 -1.61 -9.42 8.69
N LEU A 143 -2.33 -10.54 8.65
CA LEU A 143 -3.19 -10.82 7.51
C LEU A 143 -4.66 -10.47 7.81
N GLU A 144 -4.93 -10.05 9.05
CA GLU A 144 -6.28 -9.66 9.45
C GLU A 144 -6.53 -8.18 9.20
N ARG A 145 -7.79 -7.83 8.96
CA ARG A 145 -8.18 -6.43 8.91
C ARG A 145 -8.93 -6.14 10.21
N MET A 146 -8.84 -4.89 10.69
CA MET A 146 -9.56 -4.46 11.89
C MET A 146 -10.81 -3.66 11.51
N PRO A 147 -11.84 -3.68 12.37
CA PRO A 147 -12.99 -2.79 12.16
C PRO A 147 -12.54 -1.33 12.14
N ARG A 148 -13.16 -0.50 11.31
CA ARG A 148 -12.67 0.87 11.20
C ARG A 148 -12.75 1.59 12.55
N GLU A 149 -13.69 1.15 13.40
CA GLU A 149 -13.85 1.67 14.74
C GLU A 149 -12.60 1.49 15.60
N GLU A 150 -11.89 0.39 15.40
CA GLU A 150 -10.65 0.14 16.14
C GLU A 150 -9.54 1.04 15.62
N ALA A 151 -9.58 1.32 14.33
CA ALA A 151 -8.63 2.26 13.75
C ALA A 151 -8.84 3.64 14.41
N THR A 152 -10.08 4.01 14.63
CA THR A 152 -10.34 5.27 15.31
C THR A 152 -9.68 5.29 16.68
N GLU A 153 -9.82 4.20 17.43
CA GLU A 153 -9.29 4.13 18.79
C GLU A 153 -7.78 4.21 18.79
N ILE A 154 -7.17 3.63 17.76
CA ILE A 154 -5.71 3.69 17.62
C ILE A 154 -5.27 5.11 17.24
N GLU A 155 -5.96 5.74 16.29
CA GLU A 155 -5.60 7.11 15.91
C GLU A 155 -5.69 8.04 17.13
N GLN A 156 -6.74 7.88 17.92
CA GLN A 156 -6.96 8.69 19.12
C GLN A 156 -5.87 8.46 20.16
N THR A 157 -5.36 7.25 20.23
CA THR A 157 -4.30 6.95 21.18
C THR A 157 -3.03 7.70 20.77
N VAL A 158 -2.76 7.74 19.47
CA VAL A 158 -1.57 8.44 18.98
C VAL A 158 -1.78 9.95 19.12
N GLN A 159 -2.96 10.43 18.74
CA GLN A 159 -3.27 11.86 18.80
C GLN A 159 -3.16 12.40 20.23
N LYS A 160 -3.76 11.68 21.19
CA LYS A 160 -3.72 12.12 22.59
C LYS A 160 -2.29 12.19 23.09
N ALA A 161 -1.50 11.18 22.78
CA ALA A 161 -0.09 11.17 23.16
C ALA A 161 0.70 12.31 22.50
N ALA A 162 0.42 12.60 21.24
CA ALA A 162 1.15 13.68 20.53
C ALA A 162 0.76 15.04 21.10
N GLN A 163 -0.56 15.24 21.23
CA GLN A 163 -1.08 16.53 21.64
C GLN A 163 -0.81 16.81 23.12
N ALA A 164 -0.45 15.76 23.86
CA ALA A 164 -0.12 15.88 25.27
C ALA A 164 1.15 16.70 25.46
N PHE A 165 2.10 16.60 24.53
CA PHE A 165 3.32 17.40 24.68
C PHE A 165 3.39 18.53 23.67
N ASN A 166 2.46 18.57 22.72
CA ASN A 166 2.23 19.77 21.91
C ASN A 166 0.81 19.78 21.42
N SER A 167 0.00 20.62 22.04
CA SER A 167 -1.42 20.70 21.75
C SER A 167 -1.71 21.15 20.32
N GLY A 168 -0.72 21.78 19.69
CA GLY A 168 -0.92 22.30 18.35
C GLY A 168 -0.88 21.25 17.25
N LEU A 169 -0.35 20.06 17.57
CA LEU A 169 -0.16 19.02 16.57
C LEU A 169 -1.45 18.52 15.96
N LEU A 170 -1.49 18.49 14.62
CA LEU A 170 -2.59 17.92 13.87
C LEU A 170 -2.31 16.44 13.56
N CYS A 171 -3.25 15.57 13.87
CA CYS A 171 -3.13 14.15 13.58
C CYS A 171 -4.32 13.67 12.81
N VAL A 172 -4.10 12.95 11.70
CA VAL A 172 -5.20 12.42 10.92
C VAL A 172 -4.91 11.00 10.41
N ALA A 173 -5.90 10.11 10.52
CA ALA A 173 -5.75 8.76 9.99
C ALA A 173 -6.04 8.76 8.51
N CYS A 174 -5.19 8.09 7.75
CA CYS A 174 -5.27 8.14 6.30
C CYS A 174 -5.61 6.76 5.75
N GLY A 175 -4.93 6.38 4.67
CA GLY A 175 -5.16 5.11 3.99
C GLY A 175 -6.62 4.74 3.82
N SER A 176 -6.91 3.44 3.96
CA SER A 176 -8.25 2.90 3.79
C SER A 176 -9.23 3.49 4.80
N TYR A 177 -8.73 3.90 5.96
CA TYR A 177 -9.58 4.57 6.94
C TYR A 177 -10.21 5.81 6.33
N ARG A 178 -9.36 6.69 5.79
CA ARG A 178 -9.86 7.96 5.30
C ARG A 178 -10.66 7.77 4.03
N ARG A 179 -10.42 6.68 3.32
CA ARG A 179 -11.18 6.40 2.12
C ARG A 179 -12.55 5.77 2.46
N GLY A 180 -12.85 5.62 3.74
CA GLY A 180 -14.18 5.20 4.15
C GLY A 180 -14.42 3.71 4.22
N LYS A 181 -13.35 2.93 4.19
CA LYS A 181 -13.49 1.47 4.25
C LYS A 181 -14.05 1.00 5.60
N ALA A 182 -14.87 -0.05 5.56
CA ALA A 182 -15.41 -0.60 6.80
C ALA A 182 -14.31 -1.23 7.67
N THR A 183 -13.30 -1.80 7.04
CA THR A 183 -12.22 -2.41 7.79
C THR A 183 -10.88 -1.91 7.26
N CYS A 184 -9.86 -1.98 8.11
CA CYS A 184 -8.55 -1.41 7.80
C CYS A 184 -7.46 -2.42 8.06
N GLY A 185 -6.49 -2.49 7.16
CA GLY A 185 -5.41 -3.45 7.31
C GLY A 185 -4.38 -2.97 8.32
N ASP A 186 -4.27 -1.66 8.45
CA ASP A 186 -3.38 -1.05 9.42
C ASP A 186 -3.93 0.33 9.74
N VAL A 187 -3.22 1.11 10.54
CA VAL A 187 -3.60 2.49 10.75
C VAL A 187 -2.46 3.38 10.28
N ASP A 188 -2.77 4.30 9.37
CA ASP A 188 -1.84 5.27 8.83
C ASP A 188 -2.06 6.62 9.48
N VAL A 189 -1.16 7.04 10.37
CA VAL A 189 -1.35 8.32 11.05
C VAL A 189 -0.36 9.37 10.56
N LEU A 190 -0.91 10.46 10.02
CA LEU A 190 -0.11 11.59 9.53
C LEU A 190 -0.13 12.68 10.61
N ILE A 191 1.04 13.22 10.91
CA ILE A 191 1.17 14.23 11.96
C ILE A 191 1.90 15.44 11.39
N THR A 192 1.36 16.64 11.61
CA THR A 192 2.05 17.85 11.20
C THR A 192 1.74 18.97 12.18
N HIS A 193 2.40 20.11 12.03
CA HIS A 193 2.12 21.27 12.86
C HIS A 193 1.98 22.52 12.00
N PRO A 194 0.82 23.18 12.09
CA PRO A 194 0.51 24.34 11.25
C PRO A 194 1.32 25.60 11.59
N ASP A 195 2.62 25.44 11.85
CA ASP A 195 3.49 26.58 12.12
C ASP A 195 4.89 26.39 11.53
N GLY A 196 5.03 25.39 10.67
CA GLY A 196 6.26 25.18 9.91
C GLY A 196 7.50 24.67 10.62
N ARG A 197 7.52 24.74 11.96
CA ARG A 197 8.76 24.50 12.70
C ARG A 197 8.65 23.41 13.77
N SER A 198 7.53 23.39 14.49
CA SER A 198 7.39 22.60 15.71
C SER A 198 7.48 21.09 15.50
N HIS A 199 7.22 20.65 14.26
CA HIS A 199 7.21 19.23 13.90
C HIS A 199 8.59 18.53 13.97
N ARG A 200 9.57 19.17 14.60
CA ARG A 200 10.93 18.63 14.64
C ARG A 200 11.32 18.12 16.02
N GLY A 201 11.77 16.86 16.07
CA GLY A 201 12.18 16.21 17.30
C GLY A 201 11.06 15.41 17.95
N ILE A 202 9.92 15.31 17.27
CA ILE A 202 8.72 14.81 17.92
C ILE A 202 8.56 13.29 17.88
N PHE A 203 9.23 12.61 16.95
CA PHE A 203 9.14 11.16 16.91
C PHE A 203 9.64 10.59 18.23
N SER A 204 10.78 11.11 18.71
CA SER A 204 11.37 10.59 19.94
C SER A 204 10.40 10.75 21.11
N ARG A 205 9.79 11.93 21.22
CA ARG A 205 8.86 12.15 22.32
C ARG A 205 7.62 11.26 22.17
N LEU A 206 7.06 11.21 20.96
CA LEU A 206 5.87 10.42 20.69
C LEU A 206 6.06 8.93 20.96
N LEU A 207 7.13 8.37 20.43
CA LEU A 207 7.40 6.95 20.60
C LEU A 207 7.65 6.59 22.06
N ASP A 208 8.42 7.41 22.75
CA ASP A 208 8.71 7.10 24.15
C ASP A 208 7.44 7.16 24.98
N SER A 209 6.55 8.07 24.64
CA SER A 209 5.28 8.16 25.32
C SER A 209 4.42 6.93 25.05
N LEU A 210 4.37 6.49 23.79
CA LEU A 210 3.56 5.34 23.43
C LEU A 210 4.11 4.03 24.00
N ARG A 211 5.43 3.98 24.22
CA ARG A 211 6.04 2.80 24.86
C ARG A 211 5.76 2.75 26.36
N GLN A 212 5.79 3.92 26.99
CA GLN A 212 5.61 4.03 28.42
C GLN A 212 4.21 3.63 28.86
N GLU A 213 3.26 3.67 27.93
CA GLU A 213 1.92 3.19 28.26
C GLU A 213 1.70 1.80 27.67
N GLY A 214 2.79 1.14 27.28
CA GLY A 214 2.74 -0.21 26.75
C GLY A 214 1.96 -0.42 25.46
N PHE A 215 1.69 0.66 24.72
CA PHE A 215 0.87 0.61 23.52
C PHE A 215 1.61 -0.05 22.35
N LEU A 216 2.87 0.33 22.16
CA LEU A 216 3.69 -0.25 21.09
C LEU A 216 4.28 -1.57 21.55
N THR A 217 4.15 -2.60 20.73
CA THR A 217 4.66 -3.91 21.11
C THR A 217 5.89 -4.34 20.29
N ASP A 218 6.05 -3.79 19.09
CA ASP A 218 7.19 -4.13 18.24
C ASP A 218 7.50 -3.01 17.26
N ASP A 219 8.77 -2.85 16.89
CA ASP A 219 9.17 -1.88 15.87
C ASP A 219 9.64 -2.61 14.63
N LEU A 220 9.19 -2.19 13.46
CA LEU A 220 9.64 -2.79 12.21
C LEU A 220 10.61 -1.84 11.51
N VAL A 221 10.22 -0.58 11.39
CA VAL A 221 11.06 0.42 10.77
C VAL A 221 11.00 1.68 11.62
N SER A 222 12.14 2.06 12.19
CA SER A 222 12.21 3.21 13.10
C SER A 222 13.66 3.66 13.26
N GLN A 223 14.07 4.64 12.47
CA GLN A 223 15.44 5.15 12.53
C GLN A 223 15.48 6.28 13.56
N GLU A 224 15.82 5.97 14.81
CA GLU A 224 15.73 6.95 15.89
C GLU A 224 17.08 7.59 16.27
N GLU A 225 18.13 7.33 15.49
CA GLU A 225 19.49 7.78 15.82
C GLU A 225 19.73 9.27 15.55
N ASN A 226 19.58 9.68 14.29
CA ASN A 226 19.57 11.11 13.97
C ASN A 226 18.13 11.58 13.80
N GLY A 227 17.81 12.74 14.35
CA GLY A 227 16.43 13.22 14.36
C GLY A 227 15.81 13.53 13.01
N GLN A 228 16.21 12.81 11.96
CA GLN A 228 15.67 13.04 10.63
C GLN A 228 14.66 11.96 10.24
N GLN A 229 14.27 11.15 11.21
CA GLN A 229 13.25 10.13 11.02
C GLN A 229 12.02 10.70 10.32
N GLN A 230 11.59 10.06 9.24
CA GLN A 230 10.38 10.48 8.56
C GLN A 230 9.20 9.55 8.82
N LYS A 231 9.48 8.27 9.04
CA LYS A 231 8.40 7.31 9.24
C LYS A 231 8.64 6.36 10.40
N TYR A 232 7.55 5.88 10.97
CA TYR A 232 7.59 4.79 11.93
C TYR A 232 6.64 3.73 11.38
N LEU A 233 7.13 2.49 11.24
CA LEU A 233 6.26 1.35 10.95
C LEU A 233 6.41 0.38 12.10
N GLY A 234 5.31 0.03 12.75
CA GLY A 234 5.41 -0.81 13.91
C GLY A 234 4.12 -1.50 14.27
N VAL A 235 4.05 -1.94 15.51
CA VAL A 235 2.97 -2.80 15.96
C VAL A 235 2.44 -2.30 17.28
N CYS A 236 1.13 -2.23 17.40
CA CYS A 236 0.54 -1.77 18.65
C CYS A 236 -0.57 -2.71 19.04
N ARG A 237 -1.05 -2.57 20.26
CA ARG A 237 -2.23 -3.30 20.75
C ARG A 237 -2.93 -2.49 21.83
N LEU A 238 -4.22 -2.28 21.65
CA LEU A 238 -5.06 -1.57 22.62
C LEU A 238 -5.21 -2.44 23.88
N PRO A 239 -5.55 -1.81 25.01
CA PRO A 239 -5.65 -2.59 26.27
C PRO A 239 -6.92 -3.44 26.36
N GLY A 240 -6.94 -4.37 27.30
CA GLY A 240 -8.13 -5.16 27.54
C GLY A 240 -8.15 -6.48 26.81
N PRO A 241 -9.17 -7.32 27.07
CA PRO A 241 -9.25 -8.63 26.44
C PRO A 241 -9.77 -8.53 25.01
N GLY A 242 -9.54 -9.55 24.22
CA GLY A 242 -10.09 -9.61 22.88
C GLY A 242 -9.39 -8.72 21.89
N ARG A 243 -8.19 -8.26 22.25
CA ARG A 243 -7.44 -7.34 21.40
C ARG A 243 -6.36 -8.04 20.60
N ARG A 244 -6.20 -7.65 19.34
CA ARG A 244 -5.20 -8.22 18.47
C ARG A 244 -4.05 -7.22 18.27
N HIS A 245 -2.90 -7.70 17.84
CA HIS A 245 -1.83 -6.78 17.42
C HIS A 245 -2.18 -6.19 16.06
N ARG A 246 -2.02 -4.87 15.95
CA ARG A 246 -2.34 -4.11 14.74
C ARG A 246 -1.11 -3.35 14.21
N ARG A 247 -0.99 -3.29 12.88
CA ARG A 247 0.10 -2.52 12.29
C ARG A 247 -0.20 -1.04 12.36
N LEU A 248 0.79 -0.28 12.84
CA LEU A 248 0.66 1.17 13.00
C LEU A 248 1.76 1.85 12.19
N ASP A 249 1.37 2.75 11.31
CA ASP A 249 2.34 3.45 10.47
C ASP A 249 2.15 4.95 10.67
N ILE A 250 3.20 5.62 11.09
CA ILE A 250 3.14 7.02 11.41
C ILE A 250 4.13 7.80 10.56
N ILE A 251 3.70 8.93 10.00
CA ILE A 251 4.64 9.84 9.35
C ILE A 251 4.45 11.23 9.92
N VAL A 252 5.56 11.96 10.02
CA VAL A 252 5.57 13.33 10.52
C VAL A 252 6.18 14.21 9.44
N VAL A 253 5.43 15.23 8.99
CA VAL A 253 5.85 16.02 7.84
C VAL A 253 5.81 17.51 8.13
N PRO A 254 6.64 18.30 7.41
CA PRO A 254 6.53 19.76 7.50
C PRO A 254 5.15 20.25 7.03
N TYR A 255 4.64 21.33 7.62
CA TYR A 255 3.30 21.79 7.28
C TYR A 255 3.11 22.05 5.79
N SER A 256 4.12 22.63 5.14
CA SER A 256 3.98 22.97 3.72
C SER A 256 3.81 21.72 2.87
N GLU A 257 4.21 20.57 3.40
CA GLU A 257 4.06 19.30 2.68
C GLU A 257 2.77 18.57 3.05
N PHE A 258 1.93 19.19 3.87
CA PHE A 258 0.75 18.49 4.41
C PHE A 258 -0.19 17.92 3.34
N ALA A 259 -0.57 18.73 2.35
CA ALA A 259 -1.54 18.25 1.36
C ALA A 259 -0.98 17.09 0.53
N CYS A 260 0.27 17.18 0.11
CA CYS A 260 0.86 16.09 -0.68
C CYS A 260 1.02 14.84 0.18
N ALA A 261 1.36 15.02 1.45
CA ALA A 261 1.49 13.89 2.38
C ALA A 261 0.12 13.25 2.64
N LEU A 262 -0.88 14.10 2.80
CA LEU A 262 -2.24 13.63 3.02
C LEU A 262 -2.69 12.81 1.83
N LEU A 263 -2.45 13.34 0.65
CA LEU A 263 -2.81 12.71 -0.60
C LEU A 263 -2.11 11.36 -0.81
N TYR A 264 -0.79 11.35 -0.68
CA TYR A 264 -0.01 10.11 -0.71
C TYR A 264 -0.51 9.08 0.30
N PHE A 265 -0.66 9.47 1.55
CA PHE A 265 -0.90 8.50 2.62
C PHE A 265 -2.35 8.01 2.61
N THR A 266 -3.21 8.72 1.89
CA THR A 266 -4.60 8.34 1.73
C THR A 266 -4.76 7.31 0.61
N GLY A 267 -4.01 7.49 -0.47
CA GLY A 267 -4.03 6.53 -1.55
C GLY A 267 -5.36 6.51 -2.28
N SER A 268 -5.74 5.36 -2.86
CA SER A 268 -4.98 4.11 -2.84
C SER A 268 -3.61 4.15 -3.54
N ALA A 269 -2.82 3.09 -3.39
CA ALA A 269 -1.54 3.00 -4.10
C ALA A 269 -1.74 3.12 -5.60
N HIS A 270 -2.73 2.40 -6.16
CA HIS A 270 -2.95 2.53 -7.59
C HIS A 270 -3.36 3.96 -7.96
N PHE A 271 -4.20 4.57 -7.14
CA PHE A 271 -4.59 5.96 -7.36
C PHE A 271 -3.35 6.87 -7.39
N ASN A 272 -2.47 6.69 -6.41
CA ASN A 272 -1.21 7.45 -6.38
C ASN A 272 -0.39 7.25 -7.65
N ARG A 273 -0.21 6.00 -8.05
CA ARG A 273 0.62 5.72 -9.23
C ARG A 273 0.00 6.35 -10.48
N SER A 274 -1.31 6.23 -10.62
CA SER A 274 -1.98 6.80 -11.77
C SER A 274 -1.88 8.33 -11.78
N MET A 275 -1.99 8.95 -10.62
CA MET A 275 -1.88 10.41 -10.56
C MET A 275 -0.44 10.86 -10.85
N ARG A 276 0.53 10.13 -10.32
CA ARG A 276 1.93 10.48 -10.56
C ARG A 276 2.32 10.24 -12.02
N ALA A 277 1.77 9.17 -12.60
CA ALA A 277 1.93 8.89 -14.02
C ALA A 277 1.45 10.08 -14.87
N LEU A 278 0.28 10.61 -14.52
CA LEU A 278 -0.29 11.74 -15.25
C LEU A 278 0.60 12.97 -15.13
N ALA A 279 1.07 13.23 -13.91
CA ALA A 279 1.97 14.33 -13.64
C ALA A 279 3.21 14.26 -14.52
N LYS A 280 3.75 13.06 -14.70
CA LYS A 280 4.94 12.88 -15.53
C LYS A 280 4.66 13.19 -17.00
N THR A 281 3.45 12.89 -17.49
CA THR A 281 3.12 13.21 -18.87
C THR A 281 3.10 14.71 -19.08
N LYS A 282 2.92 15.46 -18.00
CA LYS A 282 2.90 16.92 -18.08
C LYS A 282 4.24 17.54 -17.69
N GLY A 283 5.28 16.72 -17.60
CA GLY A 283 6.59 17.24 -17.19
C GLY A 283 6.57 17.72 -15.75
N MET A 284 5.65 17.17 -14.97
CA MET A 284 5.59 17.45 -13.54
C MET A 284 6.00 16.20 -12.75
N SER A 285 6.02 16.31 -11.43
CA SER A 285 6.35 15.18 -10.58
C SER A 285 5.64 15.34 -9.25
N LEU A 286 4.99 14.27 -8.82
CA LEU A 286 4.26 14.29 -7.58
C LEU A 286 4.83 13.23 -6.65
N SER A 287 5.17 13.65 -5.44
CA SER A 287 5.62 12.73 -4.43
C SER A 287 4.91 13.04 -3.12
N GLU A 288 5.19 12.29 -2.08
CA GLU A 288 4.64 12.55 -0.76
C GLU A 288 5.06 13.93 -0.24
N HIS A 289 6.14 14.47 -0.78
CA HIS A 289 6.67 15.77 -0.33
C HIS A 289 6.05 16.97 -1.04
N ALA A 290 5.85 16.87 -2.35
CA ALA A 290 5.49 18.04 -3.13
C ALA A 290 5.05 17.69 -4.54
N LEU A 291 4.32 18.64 -5.14
CA LEU A 291 4.07 18.63 -6.55
C LEU A 291 5.07 19.59 -7.19
N SER A 292 5.85 19.10 -8.16
CA SER A 292 6.84 19.95 -8.82
C SER A 292 6.52 20.14 -10.29
N THR A 293 6.94 21.27 -10.84
CA THR A 293 6.74 21.55 -12.26
C THR A 293 8.09 21.76 -12.94
N ALA A 294 8.09 21.66 -14.27
CA ALA A 294 9.29 21.84 -15.08
C ALA A 294 10.38 20.84 -14.71
N VAL A 295 9.98 19.61 -14.38
CA VAL A 295 10.96 18.60 -14.08
C VAL A 295 11.59 18.14 -15.38
N VAL A 296 12.89 17.91 -15.36
CA VAL A 296 13.60 17.47 -16.54
C VAL A 296 13.90 15.98 -16.47
N ARG A 297 13.47 15.26 -17.51
CA ARG A 297 13.68 13.82 -17.59
C ARG A 297 14.36 13.41 -18.88
N ASN A 298 15.11 12.32 -18.84
CA ASN A 298 15.72 11.79 -20.06
C ASN A 298 14.74 10.94 -20.84
N THR A 299 15.26 10.21 -21.83
CA THR A 299 14.41 9.48 -22.75
C THR A 299 13.74 8.29 -22.06
N HIS A 300 14.28 7.87 -20.91
CA HIS A 300 13.75 6.73 -20.19
C HIS A 300 12.76 7.13 -19.09
N GLY A 301 12.39 8.41 -19.08
CA GLY A 301 11.47 8.92 -18.07
C GLY A 301 12.10 9.10 -16.70
N CYS A 302 13.43 9.14 -16.64
CA CYS A 302 14.15 9.31 -15.37
C CYS A 302 14.51 10.76 -15.12
N LYS A 303 14.28 11.22 -13.89
CA LYS A 303 14.57 12.60 -13.51
C LYS A 303 16.06 12.90 -13.65
N VAL A 304 16.40 13.94 -14.40
CA VAL A 304 17.79 14.40 -14.45
C VAL A 304 17.90 15.88 -14.03
N GLY A 305 16.75 16.53 -13.90
CA GLY A 305 16.69 17.91 -13.47
C GLY A 305 15.51 18.12 -12.55
N PRO A 306 15.72 18.81 -11.42
CA PRO A 306 14.83 18.86 -10.24
C PRO A 306 13.44 19.49 -10.44
N GLY A 307 13.34 20.51 -11.29
CA GLY A 307 12.10 21.24 -11.41
C GLY A 307 11.87 22.19 -10.23
N ARG A 308 10.63 22.64 -10.11
CA ARG A 308 10.23 23.68 -9.17
C ARG A 308 9.06 23.22 -8.30
N VAL A 309 9.19 23.31 -6.98
CA VAL A 309 8.07 22.99 -6.10
C VAL A 309 6.94 24.01 -6.27
N LEU A 310 5.73 23.50 -6.44
CA LEU A 310 4.52 24.32 -6.54
C LEU A 310 3.83 24.40 -5.21
N PRO A 311 3.34 25.58 -4.84
CA PRO A 311 2.60 25.73 -3.59
C PRO A 311 1.32 24.91 -3.61
N THR A 312 1.10 24.04 -2.63
CA THR A 312 -0.13 23.23 -2.57
C THR A 312 -0.71 23.20 -1.16
N PRO A 313 -1.45 24.25 -0.79
CA PRO A 313 -2.03 24.34 0.56
C PRO A 313 -3.00 23.19 0.84
N THR A 314 -3.71 22.76 -0.19
CA THR A 314 -4.75 21.74 -0.01
C THR A 314 -4.66 20.68 -1.10
N GLU A 315 -5.31 19.55 -0.84
CA GLU A 315 -5.44 18.50 -1.84
C GLU A 315 -6.06 19.01 -3.13
N LYS A 316 -7.07 19.86 -3.00
CA LYS A 316 -7.74 20.41 -4.19
C LYS A 316 -6.76 21.15 -5.07
N ASP A 317 -5.77 21.77 -4.46
CA ASP A 317 -4.72 22.45 -5.23
C ASP A 317 -3.93 21.48 -6.11
N VAL A 318 -3.51 20.36 -5.54
CA VAL A 318 -2.80 19.35 -6.33
C VAL A 318 -3.62 18.92 -7.55
N PHE A 319 -4.88 18.57 -7.32
CA PHE A 319 -5.79 18.20 -8.41
C PHE A 319 -5.87 19.34 -9.44
N ARG A 320 -6.06 20.56 -8.95
CA ARG A 320 -6.21 21.73 -9.82
C ARG A 320 -4.97 21.92 -10.70
N LEU A 321 -3.80 21.86 -10.08
CA LEU A 321 -2.55 22.07 -10.79
C LEU A 321 -2.31 21.00 -11.87
N LEU A 322 -2.92 19.82 -11.69
CA LEU A 322 -2.77 18.72 -12.65
C LEU A 322 -3.89 18.69 -13.71
N GLY A 323 -4.78 19.67 -13.67
CA GLY A 323 -5.87 19.71 -14.63
C GLY A 323 -6.89 18.61 -14.39
N LEU A 324 -7.04 18.21 -13.14
CA LEU A 324 -7.94 17.11 -12.77
C LEU A 324 -9.09 17.59 -11.91
N PRO A 325 -10.29 17.05 -12.15
CA PRO A 325 -11.40 17.27 -11.21
C PRO A 325 -11.08 16.64 -9.86
N TYR A 326 -11.44 17.34 -8.78
CA TYR A 326 -11.22 16.79 -7.44
C TYR A 326 -11.98 15.49 -7.23
N ARG A 327 -11.34 14.55 -6.54
CA ARG A 327 -11.98 13.29 -6.15
C ARG A 327 -11.90 13.11 -4.63
N GLU A 328 -13.04 12.88 -3.98
CA GLU A 328 -13.07 12.66 -2.54
C GLU A 328 -12.34 11.37 -2.22
N PRO A 329 -11.79 11.26 -0.99
CA PRO A 329 -11.02 10.07 -0.62
C PRO A 329 -11.75 8.76 -0.93
N ALA A 330 -13.03 8.70 -0.62
CA ALA A 330 -13.82 7.47 -0.86
C ALA A 330 -13.83 7.07 -2.34
N GLU A 331 -13.61 8.03 -3.23
CA GLU A 331 -13.59 7.74 -4.65
C GLU A 331 -12.19 7.44 -5.19
N ARG A 332 -11.23 7.23 -4.30
CA ARG A 332 -9.85 7.03 -4.73
C ARG A 332 -9.39 5.57 -4.62
N ASP A 333 -10.29 4.60 -4.69
CA ASP A 333 -9.90 3.19 -4.55
C ASP A 333 -9.05 2.77 -5.73
N TRP A 334 -9.34 3.35 -6.88
CA TRP A 334 -8.59 3.01 -8.07
C TRP A 334 -8.30 4.27 -8.88
P 8OG D 6 7.47 9.28 -11.22
OP1 8OG D 6 7.22 10.68 -11.75
OP2 8OG D 6 8.50 8.47 -11.93
O5' 8OG D 6 7.82 9.34 -9.68
C5' 8OG D 6 7.08 10.18 -8.82
C4' 8OG D 6 7.60 10.03 -7.41
O4' 8OG D 6 7.13 8.59 -6.89
C3' 8OG D 6 8.92 10.09 -7.28
O3' 8OG D 6 9.19 11.39 -6.62
C2' 8OG D 6 9.33 8.84 -6.44
C1' 8OG D 6 7.97 8.35 -5.92
N9 8OG D 6 7.87 6.96 -5.60
C8 8OG D 6 7.28 6.46 -4.34
N7 8OG D 6 7.33 5.00 -4.40
C5 8OG D 6 7.90 4.68 -5.64
C6 8OG D 6 8.17 3.33 -6.22
O6 8OG D 6 7.89 2.34 -5.57
N1 8OG D 6 8.76 3.23 -7.49
C2 8OG D 6 9.08 4.43 -8.24
N2 8OG D 6 9.67 4.33 -9.52
N3 8OG D 6 8.80 5.72 -7.66
C4 8OG D 6 8.21 5.84 -6.36
O8 8OG D 6 6.85 7.16 -3.45
C1 CIT E . -3.45 -3.35 3.83
O1 CIT E . -2.81 -3.09 4.88
O2 CIT E . -4.03 -4.46 3.71
C2 CIT E . -3.54 -2.34 2.72
C3 CIT E . -3.96 -1.00 3.26
O7 CIT E . -3.01 -0.61 4.24
C4 CIT E . -3.87 -0.04 2.09
C5 CIT E . -4.42 1.35 2.33
O3 CIT E . -4.64 1.78 3.49
O4 CIT E . -4.69 2.07 1.34
C6 CIT E . -5.38 -1.08 3.83
O5 CIT E . -5.61 -0.80 5.04
O6 CIT E . -6.34 -1.45 3.10
NA NA F . 6.15 -9.89 2.91
NA NA G . -3.47 1.54 5.37
#